data_4RWE
#
_entry.id   4RWE
#
_cell.length_a   59.940
_cell.length_b   59.940
_cell.length_c   169.926
_cell.angle_alpha   90.00
_cell.angle_beta   90.00
_cell.angle_gamma   90.00
#
_symmetry.space_group_name_H-M   'P 43 21 2'
#
loop_
_entity.id
_entity.type
_entity.pdbx_description
1 polymer 'Sugar-binding transport protein'
2 non-polymer GLYCEROL
3 non-polymer 'CHLORIDE ION'
4 water water
#
_entity_poly.entity_id   1
_entity_poly.type   'polypeptide(L)'
_entity_poly.pdbx_seq_one_letter_code
;SNAELNSIGVTVGDLANPFFVQITKGVELEARKLAGDKVKVTLVSSGYDLGQQVAQIDNFIAAKVD(MSE)IILNAADSK
GIGPAVKRAKDAGIVVVAVDVAAEGADATITSDNTQAGA(MSE)ACKYISDRLKEKGNVVIINGPPVSAIQNRVEGCESE
FKKYPDIKVLSSNQNAKGSREGGLEV(MSE)TSLLAVNPKIDGVFAINDPTAIGADLAAKQAQRNEFFIVGVDGSPDAEE
ALKRGGNTLFVATPAQDPQV(MSE)ASKAVEVGYGILQGNPAPKDPILIPVTLIDKNNISTYKGWT(MSE)K
;
_entity_poly.pdbx_strand_id   A
#
# COMPACT_ATOMS: atom_id res chain seq x y z
N GLU A 4 27.98 14.79 -1.27
CA GLU A 4 26.73 15.51 -1.12
C GLU A 4 25.71 14.71 -0.30
N LEU A 5 25.63 13.41 -0.58
CA LEU A 5 24.78 12.51 0.20
C LEU A 5 25.62 11.72 1.19
N ASN A 6 25.58 12.12 2.46
CA ASN A 6 26.39 11.47 3.49
C ASN A 6 25.56 10.75 4.53
N SER A 7 24.34 11.21 4.75
CA SER A 7 23.48 10.62 5.77
C SER A 7 22.01 10.81 5.49
N ILE A 8 21.23 9.80 5.86
CA ILE A 8 19.80 9.81 5.64
C ILE A 8 19.13 9.36 6.92
N GLY A 9 18.08 10.07 7.31
CA GLY A 9 17.26 9.64 8.43
C GLY A 9 15.98 9.03 7.92
N VAL A 10 15.59 7.89 8.48
CA VAL A 10 14.37 7.21 8.05
C VAL A 10 13.46 6.98 9.25
N THR A 11 12.24 7.48 9.18
CA THR A 11 11.26 7.22 10.24
C THR A 11 10.00 6.62 9.64
N VAL A 12 9.68 5.41 10.09
CA VAL A 12 8.53 4.68 9.57
C VAL A 12 7.69 4.15 10.73
N GLY A 13 6.50 3.68 10.43
CA GLY A 13 5.55 3.29 11.45
C GLY A 13 6.06 2.18 12.36
N ASP A 14 6.65 1.15 11.76
CA ASP A 14 7.05 -0.04 12.50
C ASP A 14 8.18 -0.76 11.75
N LEU A 15 9.40 -0.63 12.26
CA LEU A 15 10.57 -1.22 11.59
C LEU A 15 10.49 -2.74 11.48
N ALA A 16 9.66 -3.34 12.33
CA ALA A 16 9.51 -4.79 12.37
C ALA A 16 8.57 -5.29 11.29
N ASN A 17 7.63 -4.44 10.88
CA ASN A 17 6.67 -4.77 9.82
C ASN A 17 7.41 -5.02 8.50
N PRO A 18 7.20 -6.21 7.89
CA PRO A 18 7.92 -6.59 6.67
C PRO A 18 7.83 -5.52 5.56
N PHE A 19 6.69 -4.85 5.45
CA PHE A 19 6.54 -3.77 4.49
C PHE A 19 7.62 -2.72 4.72
N PHE A 20 7.80 -2.33 5.98
CA PHE A 20 8.75 -1.28 6.30
C PHE A 20 10.18 -1.78 6.34
N VAL A 21 10.35 -3.08 6.57
CA VAL A 21 11.68 -3.69 6.39
C VAL A 21 12.11 -3.48 4.94
N GLN A 22 11.19 -3.73 4.02
CA GLN A 22 11.46 -3.52 2.59
C GLN A 22 11.75 -2.06 2.27
N ILE A 23 11.03 -1.15 2.91
CA ILE A 23 11.30 0.29 2.76
C ILE A 23 12.75 0.58 3.14
N THR A 24 13.17 0.11 4.30
CA THR A 24 14.51 0.39 4.76
C THR A 24 15.56 -0.24 3.83
N LYS A 25 15.29 -1.45 3.35
CA LYS A 25 16.18 -2.08 2.37
C LYS A 25 16.33 -1.22 1.12
N GLY A 26 15.21 -0.68 0.64
CA GLY A 26 15.23 0.16 -0.55
C GLY A 26 16.05 1.42 -0.33
N VAL A 27 15.90 2.02 0.85
CA VAL A 27 16.65 3.23 1.16
C VAL A 27 18.15 2.94 1.15
N GLU A 28 18.54 1.88 1.83
CA GLU A 28 19.94 1.53 1.95
C GLU A 28 20.56 1.19 0.60
N LEU A 29 19.83 0.43 -0.21
CA LEU A 29 20.34 0.02 -1.52
C LEU A 29 20.54 1.21 -2.45
N GLU A 30 19.59 2.14 -2.46
CA GLU A 30 19.66 3.29 -3.35
C GLU A 30 20.72 4.28 -2.87
N ALA A 31 20.80 4.47 -1.55
CA ALA A 31 21.85 5.29 -0.98
C ALA A 31 23.23 4.78 -1.39
N ARG A 32 23.40 3.47 -1.33
CA ARG A 32 24.65 2.80 -1.68
C ARG A 32 24.92 3.00 -3.18
N LYS A 33 23.89 2.86 -4.00
CA LYS A 33 24.01 3.04 -5.44
C LYS A 33 24.49 4.45 -5.78
N LEU A 34 23.89 5.45 -5.14
CA LEU A 34 24.16 6.85 -5.48
C LEU A 34 25.48 7.37 -4.91
N ALA A 35 25.82 6.94 -3.69
CA ALA A 35 26.90 7.58 -2.96
C ALA A 35 27.90 6.60 -2.33
N GLY A 36 27.75 5.31 -2.59
CA GLY A 36 28.71 4.33 -2.09
C GLY A 36 28.46 3.80 -0.69
N ASP A 37 29.40 2.99 -0.20
CA ASP A 37 29.19 2.22 1.01
C ASP A 37 29.35 3.00 2.31
N LYS A 38 29.66 4.29 2.22
CA LYS A 38 29.90 5.09 3.42
C LYS A 38 28.69 5.91 3.88
N VAL A 39 27.56 5.81 3.18
CA VAL A 39 26.39 6.59 3.57
C VAL A 39 25.82 6.11 4.89
N LYS A 40 25.61 7.04 5.82
CA LYS A 40 25.00 6.68 7.09
C LYS A 40 23.48 6.72 6.96
N VAL A 41 22.83 5.59 7.21
CA VAL A 41 21.37 5.53 7.19
C VAL A 41 20.87 5.21 8.60
N THR A 42 20.15 6.16 9.19
CA THR A 42 19.63 6.00 10.54
C THR A 42 18.14 5.67 10.49
N LEU A 43 17.77 4.53 11.09
CA LEU A 43 16.41 4.03 11.02
C LEU A 43 15.74 4.11 12.38
N VAL A 44 14.54 4.67 12.43
CA VAL A 44 13.76 4.69 13.66
C VAL A 44 12.30 4.34 13.38
N SER A 45 11.60 3.89 14.42
CA SER A 45 10.17 3.57 14.35
C SER A 45 9.39 4.66 15.07
N SER A 46 8.36 5.18 14.42
CA SER A 46 7.52 6.21 15.03
C SER A 46 6.58 5.59 16.06
N GLY A 47 6.32 4.29 15.94
CA GLY A 47 5.32 3.64 16.77
C GLY A 47 3.93 4.19 16.49
N TYR A 48 3.77 4.76 15.29
CA TYR A 48 2.52 5.41 14.87
C TYR A 48 2.13 6.57 15.79
N ASP A 49 3.12 7.19 16.42
CA ASP A 49 2.88 8.27 17.36
C ASP A 49 3.43 9.59 16.82
N LEU A 50 2.57 10.61 16.74
CA LEU A 50 2.98 11.89 16.17
C LEU A 50 4.07 12.58 16.98
N GLY A 51 3.87 12.67 18.30
CA GLY A 51 4.84 13.31 19.18
C GLY A 51 6.22 12.70 19.05
N GLN A 52 6.25 11.37 19.01
CA GLN A 52 7.50 10.62 18.88
C GLN A 52 8.19 10.91 17.55
N GLN A 53 7.41 10.93 16.48
CA GLN A 53 7.95 11.20 15.15
C GLN A 53 8.41 12.65 14.98
N VAL A 54 7.72 13.58 15.61
CA VAL A 54 8.17 14.98 15.59
C VAL A 54 9.55 15.07 16.20
N ALA A 55 9.72 14.40 17.34
CA ALA A 55 11.01 14.37 18.04
C ALA A 55 12.07 13.76 17.14
N GLN A 56 11.71 12.69 16.43
CA GLN A 56 12.64 12.01 15.55
C GLN A 56 13.11 12.93 14.43
N ILE A 57 12.17 13.69 13.87
CA ILE A 57 12.52 14.66 12.84
C ILE A 57 13.45 15.73 13.41
N ASP A 58 13.12 16.27 14.57
CA ASP A 58 13.99 17.25 15.20
C ASP A 58 15.37 16.68 15.51
N ASN A 59 15.42 15.40 15.85
CA ASN A 59 16.70 14.73 16.08
C ASN A 59 17.52 14.63 14.80
N PHE A 60 16.86 14.25 13.71
CA PHE A 60 17.51 14.18 12.40
C PHE A 60 18.03 15.56 11.99
N ILE A 61 17.29 16.61 12.33
CA ILE A 61 17.71 17.97 11.98
C ILE A 61 19.01 18.33 12.71
N ALA A 62 19.05 18.03 14.00
CA ALA A 62 20.22 18.30 14.81
C ALA A 62 21.41 17.47 14.34
N ALA A 63 21.14 16.26 13.88
CA ALA A 63 22.19 15.36 13.42
C ALA A 63 22.66 15.74 12.02
N LYS A 64 21.98 16.73 11.44
CA LYS A 64 22.29 17.25 10.11
C LYS A 64 22.32 16.17 9.01
N VAL A 65 21.30 15.32 8.99
CA VAL A 65 21.12 14.42 7.87
C VAL A 65 20.88 15.25 6.61
N ASP A 66 21.14 14.66 5.45
CA ASP A 66 20.93 15.37 4.20
C ASP A 66 19.50 15.21 3.73
N ILE A 68 15.51 13.16 4.76
CA ILE A 68 14.64 12.37 5.65
C ILE A 68 13.64 11.63 4.79
N ILE A 69 13.56 10.32 5.00
CA ILE A 69 12.55 9.48 4.39
C ILE A 69 11.47 9.30 5.44
N LEU A 70 10.27 9.79 5.14
CA LEU A 70 9.23 9.94 6.15
C LEU A 70 7.96 9.16 5.83
N ASN A 71 7.61 8.23 6.72
CA ASN A 71 6.31 7.58 6.70
C ASN A 71 5.47 8.16 7.83
N ALA A 72 4.63 9.14 7.51
CA ALA A 72 3.99 10.01 8.50
C ALA A 72 2.96 9.31 9.39
N ALA A 73 3.13 9.47 10.69
CA ALA A 73 2.17 8.97 11.67
C ALA A 73 0.86 9.75 11.59
N ASP A 74 0.97 11.02 11.21
CA ASP A 74 -0.16 11.93 11.07
C ASP A 74 0.21 12.87 9.92
N SER A 75 -0.44 12.72 8.77
CA SER A 75 -0.06 13.46 7.57
C SER A 75 -0.06 14.98 7.77
N LYS A 76 -1.12 15.49 8.40
CA LYS A 76 -1.23 16.93 8.62
C LYS A 76 -0.39 17.37 9.83
N GLY A 77 -0.40 16.56 10.89
CA GLY A 77 0.24 16.90 12.14
C GLY A 77 1.75 16.98 12.09
N ILE A 78 2.35 16.26 11.15
CA ILE A 78 3.81 16.25 10.99
C ILE A 78 4.30 17.49 10.21
N GLY A 79 3.36 18.29 9.72
CA GLY A 79 3.67 19.47 8.93
C GLY A 79 4.73 20.41 9.47
N PRO A 80 4.54 20.93 10.71
CA PRO A 80 5.54 21.86 11.27
C PRO A 80 6.95 21.27 11.32
N ALA A 81 7.05 19.99 11.70
CA ALA A 81 8.35 19.32 11.77
C ALA A 81 9.00 19.22 10.39
N VAL A 82 8.20 18.87 9.38
CA VAL A 82 8.67 18.83 8.01
C VAL A 82 9.20 20.20 7.58
N LYS A 83 8.48 21.25 7.94
CA LYS A 83 8.90 22.59 7.58
C LYS A 83 10.20 22.98 8.29
N ARG A 84 10.36 22.55 9.54
CA ARG A 84 11.63 22.79 10.24
C ARG A 84 12.78 22.11 9.51
N ALA A 85 12.54 20.90 9.02
CA ALA A 85 13.57 20.17 8.28
C ALA A 85 13.94 20.91 7.00
N LYS A 86 12.92 21.32 6.25
CA LYS A 86 13.15 22.01 4.99
C LYS A 86 13.88 23.34 5.20
N ASP A 87 13.50 24.06 6.24
CA ASP A 87 14.15 25.32 6.60
C ASP A 87 15.63 25.11 6.92
N ALA A 88 15.97 23.92 7.39
CA ALA A 88 17.35 23.57 7.68
C ALA A 88 18.09 23.06 6.44
N GLY A 89 17.41 23.08 5.29
CA GLY A 89 18.04 22.64 4.05
C GLY A 89 18.00 21.14 3.83
N ILE A 90 17.15 20.47 4.59
CA ILE A 90 17.02 19.02 4.48
C ILE A 90 15.88 18.65 3.54
N VAL A 91 16.15 17.72 2.63
CA VAL A 91 15.13 17.25 1.71
C VAL A 91 14.27 16.21 2.42
N VAL A 92 12.96 16.39 2.36
CA VAL A 92 12.03 15.46 3.00
C VAL A 92 11.20 14.77 1.96
N VAL A 93 11.28 13.44 1.90
CA VAL A 93 10.48 12.65 0.96
C VAL A 93 9.51 11.73 1.69
N ALA A 94 8.23 11.91 1.44
CA ALA A 94 7.20 11.08 2.06
C ALA A 94 7.07 9.77 1.30
N VAL A 95 6.86 8.68 2.04
CA VAL A 95 6.60 7.38 1.42
C VAL A 95 5.33 6.75 1.98
N ASP A 96 4.55 6.15 1.09
CA ASP A 96 3.33 5.38 1.38
C ASP A 96 2.11 6.23 1.69
N VAL A 97 2.29 7.28 2.47
CA VAL A 97 1.22 8.22 2.76
C VAL A 97 1.73 9.65 2.68
N ALA A 98 0.83 10.61 2.50
CA ALA A 98 1.22 12.00 2.41
C ALA A 98 1.85 12.51 3.71
N ALA A 99 2.69 13.52 3.57
CA ALA A 99 3.19 14.27 4.71
C ALA A 99 3.18 15.73 4.31
N GLU A 100 2.47 16.54 5.09
CA GLU A 100 2.28 17.95 4.80
C GLU A 100 3.61 18.65 4.58
N GLY A 101 3.79 19.22 3.39
CA GLY A 101 4.98 19.99 3.08
C GLY A 101 6.15 19.20 2.54
N ALA A 102 6.03 17.88 2.46
CA ALA A 102 7.11 17.04 1.92
C ALA A 102 7.55 17.52 0.53
N ASP A 103 8.85 17.45 0.27
CA ASP A 103 9.39 17.90 -1.02
C ASP A 103 8.89 17.02 -2.16
N ALA A 104 8.75 15.73 -1.86
CA ALA A 104 8.20 14.78 -2.81
C ALA A 104 7.46 13.70 -2.04
N THR A 105 6.54 13.02 -2.73
CA THR A 105 5.77 11.96 -2.12
C THR A 105 5.77 10.77 -3.06
N ILE A 106 6.11 9.60 -2.54
CA ILE A 106 6.12 8.38 -3.34
C ILE A 106 5.15 7.38 -2.71
N THR A 107 4.18 6.89 -3.49
CA THR A 107 3.29 5.84 -3.01
C THR A 107 3.09 4.85 -4.14
N SER A 108 2.42 3.74 -3.86
CA SER A 108 1.98 2.87 -4.93
C SER A 108 0.88 3.55 -5.71
N ASP A 109 0.66 3.09 -6.94
CA ASP A 109 -0.47 3.53 -7.72
C ASP A 109 -1.70 2.78 -7.23
N ASN A 110 -2.34 3.32 -6.20
CA ASN A 110 -3.51 2.68 -5.63
C ASN A 110 -4.71 2.64 -6.56
N THR A 111 -4.82 3.64 -7.42
CA THR A 111 -5.88 3.65 -8.43
C THR A 111 -5.67 2.50 -9.40
N GLN A 112 -4.43 2.31 -9.87
CA GLN A 112 -4.10 1.18 -10.72
C GLN A 112 -4.40 -0.13 -10.03
N ALA A 113 -4.02 -0.23 -8.76
CA ALA A 113 -4.32 -1.44 -7.97
C ALA A 113 -5.79 -1.83 -8.09
N GLY A 114 -6.68 -0.87 -7.91
CA GLY A 114 -8.11 -1.13 -8.01
C GLY A 114 -8.56 -1.49 -9.41
N ALA A 115 -8.12 -0.72 -10.39
CA ALA A 115 -8.49 -0.97 -11.78
C ALA A 115 -8.01 -2.34 -12.23
N ALA A 117 -7.17 -5.03 -10.30
CA ALA A 117 -7.88 -6.10 -9.60
C ALA A 117 -9.23 -6.36 -10.24
N CYS A 118 -9.95 -5.29 -10.55
CA CYS A 118 -11.30 -5.42 -11.07
C CYS A 118 -11.36 -5.66 -12.57
N LYS A 119 -10.28 -5.37 -13.27
CA LYS A 119 -10.17 -5.82 -14.65
C LYS A 119 -9.99 -7.33 -14.64
N TYR A 120 -9.16 -7.81 -13.72
CA TYR A 120 -8.95 -9.24 -13.56
C TYR A 120 -10.27 -9.96 -13.26
N ILE A 121 -11.06 -9.41 -12.34
CA ILE A 121 -12.35 -10.00 -12.01
C ILE A 121 -13.26 -10.03 -13.24
N SER A 122 -13.37 -8.88 -13.90
CA SER A 122 -14.24 -8.75 -15.06
C SER A 122 -13.86 -9.72 -16.17
N ASP A 123 -12.56 -9.84 -16.44
CA ASP A 123 -12.07 -10.73 -17.48
C ASP A 123 -12.33 -12.19 -17.14
N ARG A 124 -12.06 -12.56 -15.89
CA ARG A 124 -12.28 -13.93 -15.43
C ARG A 124 -13.76 -14.29 -15.51
N LEU A 125 -14.62 -13.31 -15.23
CA LEU A 125 -16.07 -13.53 -15.30
C LEU A 125 -16.60 -13.41 -16.73
N LYS A 126 -15.69 -13.22 -17.68
CA LYS A 126 -16.05 -13.01 -19.08
C LYS A 126 -17.06 -11.87 -19.23
N GLU A 127 -16.85 -10.83 -18.44
CA GLU A 127 -17.59 -9.56 -18.53
C GLU A 127 -19.06 -9.62 -18.11
N LYS A 128 -19.43 -10.68 -17.39
CA LYS A 128 -20.80 -10.80 -16.90
C LYS A 128 -20.87 -11.41 -15.51
N GLY A 129 -21.72 -10.83 -14.67
CA GLY A 129 -21.99 -11.40 -13.36
C GLY A 129 -22.15 -10.38 -12.25
N ASN A 130 -22.44 -10.88 -11.06
CA ASN A 130 -22.61 -10.04 -9.88
C ASN A 130 -21.29 -9.92 -9.14
N VAL A 131 -20.92 -8.70 -8.76
CA VAL A 131 -19.70 -8.51 -7.99
C VAL A 131 -19.97 -7.63 -6.78
N VAL A 132 -19.11 -7.74 -5.78
CA VAL A 132 -19.17 -6.84 -4.63
C VAL A 132 -17.79 -6.26 -4.36
N ILE A 133 -17.78 -5.03 -3.86
CA ILE A 133 -16.56 -4.38 -3.42
C ILE A 133 -16.65 -4.20 -1.92
N ILE A 134 -15.75 -4.87 -1.20
CA ILE A 134 -15.71 -4.69 0.24
C ILE A 134 -14.78 -3.52 0.55
N ASN A 135 -15.35 -2.44 1.05
CA ASN A 135 -14.65 -1.19 1.26
C ASN A 135 -13.89 -1.20 2.58
N GLY A 136 -13.32 -0.06 2.91
CA GLY A 136 -12.47 0.05 4.08
C GLY A 136 -12.41 1.48 4.57
N PRO A 137 -11.42 1.78 5.43
CA PRO A 137 -11.27 3.09 6.04
C PRO A 137 -11.22 4.20 5.01
N PRO A 138 -11.78 5.37 5.33
CA PRO A 138 -11.81 6.49 4.40
C PRO A 138 -10.46 7.20 4.31
N VAL A 139 -9.46 6.51 3.77
CA VAL A 139 -8.13 7.09 3.55
C VAL A 139 -7.79 7.00 2.07
N SER A 140 -6.91 7.89 1.61
CA SER A 140 -6.57 8.02 0.20
C SER A 140 -6.31 6.71 -0.53
N ALA A 141 -5.44 5.87 0.03
CA ALA A 141 -5.07 4.62 -0.63
C ALA A 141 -6.27 3.74 -0.91
N ILE A 142 -7.14 3.60 0.10
CA ILE A 142 -8.31 2.76 -0.03
C ILE A 142 -9.32 3.39 -0.97
N GLN A 143 -9.53 4.70 -0.80
CA GLN A 143 -10.48 5.41 -1.64
C GLN A 143 -10.07 5.36 -3.11
N ASN A 144 -8.77 5.48 -3.36
CA ASN A 144 -8.25 5.35 -4.72
C ASN A 144 -8.46 3.96 -5.29
N ARG A 145 -8.26 2.94 -4.47
CA ARG A 145 -8.49 1.57 -4.89
C ARG A 145 -9.93 1.37 -5.31
N VAL A 146 -10.85 1.88 -4.52
CA VAL A 146 -12.27 1.75 -4.81
C VAL A 146 -12.62 2.48 -6.11
N GLU A 147 -12.11 3.69 -6.26
CA GLU A 147 -12.38 4.50 -7.44
C GLU A 147 -11.88 3.80 -8.71
N GLY A 148 -10.67 3.25 -8.64
CA GLY A 148 -10.08 2.57 -9.78
C GLY A 148 -10.88 1.34 -10.14
N CYS A 149 -11.31 0.60 -9.12
CA CYS A 149 -12.09 -0.59 -9.33
C CYS A 149 -13.43 -0.27 -10.00
N GLU A 150 -14.14 0.70 -9.44
CA GLU A 150 -15.45 1.06 -9.95
C GLU A 150 -15.39 1.57 -11.39
N SER A 151 -14.37 2.36 -11.69
CA SER A 151 -14.23 2.92 -13.02
C SER A 151 -14.04 1.81 -14.04
N GLU A 152 -13.38 0.73 -13.60
CA GLU A 152 -13.15 -0.43 -14.44
C GLU A 152 -14.42 -1.26 -14.64
N PHE A 153 -15.14 -1.51 -13.54
CA PHE A 153 -16.39 -2.27 -13.62
C PHE A 153 -17.41 -1.58 -14.54
N LYS A 154 -17.37 -0.24 -14.57
CA LYS A 154 -18.30 0.52 -15.40
C LYS A 154 -18.16 0.19 -16.89
N LYS A 155 -16.97 -0.25 -17.29
CA LYS A 155 -16.72 -0.57 -18.70
C LYS A 155 -17.52 -1.79 -19.17
N TYR A 156 -18.03 -2.57 -18.22
CA TYR A 156 -18.72 -3.82 -18.54
C TYR A 156 -20.18 -3.76 -18.09
N PRO A 157 -21.09 -3.56 -19.04
CA PRO A 157 -22.53 -3.41 -18.76
C PRO A 157 -23.17 -4.62 -18.08
N ASP A 158 -22.63 -5.81 -18.30
CA ASP A 158 -23.22 -7.02 -17.71
C ASP A 158 -22.58 -7.41 -16.37
N ILE A 159 -21.67 -6.58 -15.88
CA ILE A 159 -21.18 -6.71 -14.51
C ILE A 159 -22.07 -5.83 -13.63
N LYS A 160 -22.73 -6.45 -12.65
CA LYS A 160 -23.58 -5.72 -11.72
C LYS A 160 -22.90 -5.63 -10.35
N VAL A 161 -22.63 -4.40 -9.91
CA VAL A 161 -22.04 -4.19 -8.59
C VAL A 161 -23.14 -4.14 -7.52
N LEU A 162 -23.16 -5.15 -6.65
CA LEU A 162 -24.25 -5.30 -5.69
C LEU A 162 -24.03 -4.48 -4.41
N SER A 163 -22.77 -4.15 -4.13
CA SER A 163 -22.41 -3.42 -2.92
C SER A 163 -21.00 -2.88 -3.06
N SER A 164 -20.74 -1.71 -2.48
CA SER A 164 -19.41 -1.12 -2.52
C SER A 164 -19.15 -0.14 -1.37
N ASN A 165 -20.13 0.02 -0.48
CA ASN A 165 -20.01 1.04 0.56
C ASN A 165 -19.77 0.53 1.99
N GLN A 166 -19.60 -0.77 2.16
CA GLN A 166 -19.42 -1.33 3.51
C GLN A 166 -17.96 -1.27 3.95
N ASN A 167 -17.72 -0.66 5.11
CA ASN A 167 -16.38 -0.49 5.64
C ASN A 167 -15.95 -1.68 6.52
N ALA A 168 -15.09 -2.54 5.96
CA ALA A 168 -14.62 -3.70 6.68
C ALA A 168 -13.36 -3.40 7.49
N LYS A 169 -13.05 -2.11 7.66
CA LYS A 169 -12.02 -1.66 8.58
C LYS A 169 -10.61 -2.13 8.25
N GLY A 170 -10.43 -2.71 7.06
CA GLY A 170 -9.12 -3.17 6.62
C GLY A 170 -8.64 -4.44 7.31
N SER A 171 -9.54 -5.14 8.00
CA SER A 171 -9.17 -6.28 8.83
C SER A 171 -9.87 -7.56 8.40
N ARG A 172 -9.33 -8.70 8.85
CA ARG A 172 -10.00 -9.99 8.71
C ARG A 172 -11.38 -9.98 9.37
N GLU A 173 -11.44 -9.48 10.60
CA GLU A 173 -12.68 -9.48 11.37
C GLU A 173 -13.77 -8.68 10.64
N GLY A 174 -13.36 -7.53 10.09
CA GLY A 174 -14.28 -6.68 9.36
C GLY A 174 -14.69 -7.31 8.04
N GLY A 175 -13.74 -7.94 7.35
CA GLY A 175 -14.04 -8.60 6.10
C GLY A 175 -14.99 -9.75 6.33
N LEU A 176 -14.78 -10.46 7.44
CA LEU A 176 -15.69 -11.53 7.84
C LEU A 176 -17.11 -11.00 8.10
N GLU A 177 -17.21 -9.90 8.84
CA GLU A 177 -18.53 -9.38 9.19
C GLU A 177 -19.27 -8.89 7.95
N VAL A 178 -18.57 -8.11 7.13
CA VAL A 178 -19.19 -7.52 5.95
C VAL A 178 -19.59 -8.60 4.94
N THR A 180 -20.22 -11.75 5.42
CA THR A 180 -21.34 -12.52 5.98
C THR A 180 -22.66 -11.85 5.65
N SER A 181 -22.75 -10.55 5.88
CA SER A 181 -23.94 -9.78 5.52
C SER A 181 -24.23 -9.87 4.03
N LEU A 182 -23.19 -9.72 3.21
CA LEU A 182 -23.36 -9.79 1.77
C LEU A 182 -23.86 -11.16 1.33
N LEU A 183 -23.38 -12.21 1.99
CA LEU A 183 -23.81 -13.55 1.67
C LEU A 183 -25.26 -13.79 2.07
N ALA A 184 -25.64 -13.22 3.20
CA ALA A 184 -27.01 -13.35 3.69
C ALA A 184 -28.00 -12.66 2.74
N VAL A 185 -27.59 -11.52 2.21
CA VAL A 185 -28.46 -10.68 1.37
C VAL A 185 -28.45 -11.09 -0.10
N ASN A 186 -27.28 -11.53 -0.58
CA ASN A 186 -27.13 -11.87 -2.00
C ASN A 186 -26.84 -13.35 -2.18
N PRO A 187 -27.79 -14.08 -2.79
CA PRO A 187 -27.67 -15.53 -2.94
C PRO A 187 -26.69 -15.94 -4.05
N LYS A 188 -26.35 -15.02 -4.94
CA LYS A 188 -25.36 -15.32 -5.96
C LYS A 188 -24.40 -14.16 -6.14
N ILE A 189 -23.14 -14.40 -5.77
CA ILE A 189 -22.07 -13.45 -6.01
C ILE A 189 -21.01 -14.16 -6.84
N ASP A 190 -20.55 -13.51 -7.91
CA ASP A 190 -19.61 -14.15 -8.83
C ASP A 190 -18.16 -13.72 -8.63
N GLY A 191 -17.96 -12.52 -8.12
CA GLY A 191 -16.63 -12.00 -7.88
C GLY A 191 -16.59 -11.04 -6.72
N VAL A 192 -15.51 -11.09 -5.95
CA VAL A 192 -15.35 -10.20 -4.80
C VAL A 192 -14.04 -9.42 -4.90
N PHE A 193 -14.13 -8.09 -4.82
CA PHE A 193 -12.94 -7.27 -4.65
C PHE A 193 -12.89 -6.72 -3.24
N ALA A 194 -11.79 -6.99 -2.54
CA ALA A 194 -11.58 -6.46 -1.20
C ALA A 194 -10.42 -5.47 -1.24
N ILE A 195 -10.52 -4.38 -0.47
CA ILE A 195 -9.54 -3.30 -0.61
C ILE A 195 -8.14 -3.61 -0.09
N ASN A 196 -8.00 -4.71 0.65
CA ASN A 196 -6.66 -5.19 1.04
C ASN A 196 -6.68 -6.69 1.31
N ASP A 197 -5.52 -7.25 1.59
CA ASP A 197 -5.39 -8.70 1.74
C ASP A 197 -6.12 -9.25 2.98
N PRO A 198 -5.95 -8.62 4.16
CA PRO A 198 -6.70 -9.13 5.32
C PRO A 198 -8.21 -9.07 5.13
N THR A 199 -8.72 -8.01 4.52
CA THR A 199 -10.15 -7.94 4.20
C THR A 199 -10.60 -9.13 3.34
N ALA A 200 -9.80 -9.44 2.31
CA ALA A 200 -10.10 -10.53 1.41
C ALA A 200 -10.08 -11.87 2.14
N ILE A 201 -9.13 -12.03 3.05
CA ILE A 201 -9.02 -13.25 3.84
C ILE A 201 -10.24 -13.40 4.76
N GLY A 202 -10.65 -12.29 5.38
CA GLY A 202 -11.85 -12.30 6.21
C GLY A 202 -13.07 -12.71 5.39
N ALA A 203 -13.15 -12.19 4.17
CA ALA A 203 -14.25 -12.57 3.27
C ALA A 203 -14.20 -14.05 2.92
N ASP A 204 -12.98 -14.57 2.69
CA ASP A 204 -12.76 -15.99 2.44
C ASP A 204 -13.29 -16.84 3.62
N LEU A 205 -13.01 -16.39 4.84
CA LEU A 205 -13.47 -17.09 6.02
C LEU A 205 -14.99 -17.08 6.13
N ALA A 206 -15.60 -15.94 5.82
CA ALA A 206 -17.06 -15.84 5.82
C ALA A 206 -17.68 -16.84 4.85
N ALA A 207 -17.08 -16.96 3.67
CA ALA A 207 -17.54 -17.88 2.64
C ALA A 207 -17.45 -19.32 3.15
N LYS A 208 -16.32 -19.64 3.77
CA LYS A 208 -16.08 -20.96 4.32
C LYS A 208 -17.14 -21.30 5.36
N GLN A 209 -17.40 -20.37 6.27
CA GLN A 209 -18.40 -20.59 7.33
C GLN A 209 -19.81 -20.72 6.79
N ALA A 210 -20.09 -20.08 5.66
CA ALA A 210 -21.40 -20.12 5.03
C ALA A 210 -21.51 -21.24 4.00
N GLN A 211 -20.43 -21.99 3.80
CA GLN A 211 -20.36 -23.00 2.74
C GLN A 211 -20.76 -22.40 1.39
N ARG A 212 -20.27 -21.20 1.13
CA ARG A 212 -20.49 -20.52 -0.15
C ARG A 212 -19.18 -20.50 -0.92
N ASN A 213 -19.22 -20.90 -2.19
CA ASN A 213 -17.98 -20.95 -2.98
C ASN A 213 -18.15 -20.65 -4.46
N GLU A 214 -19.21 -19.92 -4.80
CA GLU A 214 -19.52 -19.67 -6.21
C GLU A 214 -18.79 -18.43 -6.76
N PHE A 215 -17.92 -17.86 -5.94
CA PHE A 215 -17.12 -16.68 -6.32
C PHE A 215 -15.65 -16.88 -6.00
N PHE A 216 -14.81 -16.05 -6.62
CA PHE A 216 -13.41 -15.93 -6.25
C PHE A 216 -13.19 -14.54 -5.65
N ILE A 217 -12.09 -14.38 -4.93
CA ILE A 217 -11.82 -13.14 -4.20
C ILE A 217 -10.46 -12.57 -4.60
N VAL A 218 -10.40 -11.25 -4.78
CA VAL A 218 -9.15 -10.55 -5.06
C VAL A 218 -8.90 -9.51 -3.97
N GLY A 219 -7.68 -9.48 -3.44
CA GLY A 219 -7.30 -8.51 -2.44
C GLY A 219 -6.37 -7.45 -3.02
N VAL A 220 -5.68 -6.70 -2.16
CA VAL A 220 -4.64 -5.77 -2.59
C VAL A 220 -3.48 -5.72 -1.59
N ASP A 221 -2.27 -5.87 -2.12
CA ASP A 221 -0.96 -5.52 -1.48
C ASP A 221 0.15 -6.49 -1.84
N GLY A 222 -0.18 -7.74 -2.16
CA GLY A 222 0.84 -8.76 -2.30
C GLY A 222 1.61 -8.95 -0.99
N SER A 223 0.89 -8.85 0.13
CA SER A 223 1.47 -9.03 1.45
C SER A 223 1.72 -10.51 1.76
N PRO A 224 2.47 -10.81 2.83
CA PRO A 224 2.61 -12.21 3.23
C PRO A 224 1.25 -12.89 3.51
N ASP A 225 0.23 -12.11 3.90
CA ASP A 225 -1.11 -12.66 4.09
C ASP A 225 -1.64 -13.26 2.80
N ALA A 226 -1.40 -12.55 1.69
CA ALA A 226 -1.83 -13.01 0.38
C ALA A 226 -1.02 -14.22 -0.07
N GLU A 227 0.28 -14.17 0.17
CA GLU A 227 1.15 -15.29 -0.19
C GLU A 227 0.68 -16.59 0.45
N GLU A 228 0.34 -16.52 1.74
CA GLU A 228 -0.12 -17.71 2.47
C GLU A 228 -1.34 -18.30 1.77
N ALA A 229 -2.28 -17.45 1.38
CA ALA A 229 -3.50 -17.92 0.74
C ALA A 229 -3.19 -18.48 -0.66
N LEU A 230 -2.36 -17.77 -1.40
CA LEU A 230 -2.02 -18.18 -2.77
C LEU A 230 -1.20 -19.47 -2.80
N LYS A 231 -0.45 -19.73 -1.74
CA LYS A 231 0.41 -20.91 -1.71
C LYS A 231 -0.23 -22.06 -0.95
N ARG A 232 -1.38 -21.78 -0.34
CA ARG A 232 -2.06 -22.73 0.54
C ARG A 232 -2.44 -24.02 -0.17
N GLY A 233 -2.19 -25.14 0.47
CA GLY A 233 -2.58 -26.43 -0.06
C GLY A 233 -4.08 -26.64 0.11
N GLY A 234 -4.61 -26.18 1.24
CA GLY A 234 -6.04 -26.26 1.51
C GLY A 234 -6.84 -25.29 0.66
N ASN A 235 -8.16 -25.40 0.74
CA ASN A 235 -9.04 -24.57 -0.09
C ASN A 235 -9.04 -23.10 0.30
N THR A 236 -9.13 -22.25 -0.72
CA THR A 236 -9.36 -20.83 -0.54
C THR A 236 -10.00 -20.26 -1.79
N LEU A 237 -10.77 -19.20 -1.64
CA LEU A 237 -11.37 -18.51 -2.78
C LEU A 237 -10.53 -17.31 -3.18
N PHE A 238 -9.45 -17.09 -2.42
CA PHE A 238 -8.53 -15.98 -2.67
C PHE A 238 -7.60 -16.34 -3.83
N VAL A 239 -7.69 -15.59 -4.93
CA VAL A 239 -6.99 -16.00 -6.15
C VAL A 239 -6.00 -14.98 -6.71
N ALA A 240 -6.05 -13.73 -6.24
CA ALA A 240 -5.18 -12.69 -6.80
C ALA A 240 -5.07 -11.45 -5.92
N THR A 241 -3.99 -10.70 -6.11
CA THR A 241 -3.74 -9.48 -5.38
C THR A 241 -2.71 -8.63 -6.13
N PRO A 242 -3.03 -7.37 -6.42
CA PRO A 242 -1.99 -6.48 -6.95
C PRO A 242 -0.95 -6.17 -5.86
N ALA A 243 0.31 -6.46 -6.16
CA ALA A 243 1.37 -6.34 -5.17
C ALA A 243 2.02 -4.96 -5.17
N GLN A 244 2.21 -4.41 -3.98
CA GLN A 244 3.02 -3.21 -3.80
C GLN A 244 4.48 -3.61 -3.76
N ASP A 245 5.35 -2.70 -4.23
CA ASP A 245 6.79 -2.91 -4.19
C ASP A 245 7.45 -1.87 -3.27
N PRO A 246 7.39 -2.09 -1.95
CA PRO A 246 7.95 -1.09 -1.03
C PRO A 246 9.44 -0.82 -1.25
N GLN A 247 10.21 -1.84 -1.62
CA GLN A 247 11.64 -1.64 -1.85
C GLN A 247 11.88 -0.64 -2.98
N VAL A 248 11.14 -0.78 -4.07
CA VAL A 248 11.25 0.15 -5.18
C VAL A 248 10.71 1.53 -4.82
N ALA A 250 10.86 2.91 -1.97
CA ALA A 250 11.85 3.53 -1.12
C ALA A 250 13.08 3.97 -1.91
N SER A 251 13.51 3.12 -2.84
CA SER A 251 14.67 3.48 -3.64
C SER A 251 14.33 4.68 -4.52
N LYS A 252 13.10 4.72 -5.06
CA LYS A 252 12.63 5.87 -5.83
C LYS A 252 12.60 7.14 -4.96
N ALA A 253 12.17 6.99 -3.72
CA ALA A 253 12.19 8.11 -2.78
C ALA A 253 13.57 8.72 -2.64
N VAL A 254 14.59 7.87 -2.49
CA VAL A 254 15.96 8.35 -2.32
C VAL A 254 16.48 8.97 -3.62
N GLU A 255 16.14 8.33 -4.74
CA GLU A 255 16.55 8.81 -6.07
C GLU A 255 15.98 10.21 -6.31
N VAL A 256 14.69 10.37 -6.06
CA VAL A 256 14.04 11.67 -6.22
C VAL A 256 14.57 12.71 -5.23
N GLY A 257 14.76 12.30 -3.97
CA GLY A 257 15.28 13.20 -2.96
C GLY A 257 16.67 13.69 -3.29
N TYR A 258 17.48 12.80 -3.86
CA TYR A 258 18.85 13.16 -4.24
C TYR A 258 18.84 14.19 -5.35
N GLY A 259 17.97 14.00 -6.34
CA GLY A 259 17.80 14.97 -7.42
C GLY A 259 17.50 16.36 -6.89
N ILE A 260 16.58 16.42 -5.92
CA ILE A 260 16.21 17.68 -5.32
C ILE A 260 17.39 18.29 -4.57
N LEU A 261 18.11 17.46 -3.83
CA LEU A 261 19.32 17.87 -3.13
C LEU A 261 20.29 18.53 -4.11
N GLN A 262 20.38 17.95 -5.30
CA GLN A 262 21.29 18.46 -6.33
C GLN A 262 20.72 19.63 -7.13
N GLY A 263 19.54 20.10 -6.76
CA GLY A 263 19.00 21.33 -7.32
C GLY A 263 17.85 21.15 -8.30
N ASN A 264 17.48 19.90 -8.58
CA ASN A 264 16.35 19.63 -9.45
C ASN A 264 15.05 20.13 -8.82
N PRO A 265 14.12 20.61 -9.64
CA PRO A 265 12.82 21.00 -9.09
C PRO A 265 12.08 19.79 -8.53
N ALA A 266 11.42 19.97 -7.39
CA ALA A 266 10.61 18.91 -6.80
C ALA A 266 9.43 18.62 -7.72
N PRO A 267 8.89 17.40 -7.65
CA PRO A 267 7.69 17.08 -8.43
C PRO A 267 6.49 17.85 -7.87
N LYS A 268 5.54 18.20 -8.72
CA LYS A 268 4.36 18.91 -8.24
C LYS A 268 3.30 17.94 -7.71
N ASP A 269 3.39 16.67 -8.10
CA ASP A 269 2.41 15.68 -7.67
C ASP A 269 3.10 14.40 -7.19
N PRO A 270 2.40 13.60 -6.37
CA PRO A 270 2.96 12.34 -5.89
C PRO A 270 3.43 11.46 -7.04
N ILE A 271 4.52 10.74 -6.79
CA ILE A 271 5.05 9.79 -7.75
C ILE A 271 4.50 8.40 -7.42
N LEU A 272 3.92 7.74 -8.42
CA LEU A 272 3.24 6.48 -8.19
C LEU A 272 4.03 5.28 -8.71
N ILE A 273 4.25 4.32 -7.83
CA ILE A 273 4.93 3.08 -8.21
C ILE A 273 3.90 2.08 -8.71
N PRO A 274 4.13 1.50 -9.90
CA PRO A 274 3.20 0.51 -10.43
C PRO A 274 3.02 -0.68 -9.50
N VAL A 275 1.86 -1.33 -9.55
CA VAL A 275 1.63 -2.56 -8.83
C VAL A 275 1.61 -3.73 -9.83
N THR A 276 1.79 -4.94 -9.31
CA THR A 276 1.87 -6.12 -10.17
C THR A 276 0.91 -7.20 -9.71
N LEU A 277 0.07 -7.69 -10.60
CA LEU A 277 -0.90 -8.71 -10.20
C LEU A 277 -0.21 -10.03 -9.90
N ILE A 278 -0.39 -10.52 -8.68
CA ILE A 278 0.12 -11.82 -8.30
C ILE A 278 -1.03 -12.81 -8.24
N ASP A 279 -0.88 -13.92 -8.94
CA ASP A 279 -1.87 -15.00 -8.91
C ASP A 279 -1.21 -16.37 -8.99
N LYS A 280 -1.98 -17.39 -9.37
CA LYS A 280 -1.46 -18.76 -9.46
C LYS A 280 -0.31 -18.88 -10.46
N ASN A 281 -0.27 -17.98 -11.43
CA ASN A 281 0.71 -18.09 -12.50
C ASN A 281 2.10 -17.62 -12.11
N ASN A 282 2.17 -16.63 -11.22
CA ASN A 282 3.45 -16.09 -10.80
C ASN A 282 3.76 -16.15 -9.31
N ILE A 283 2.87 -16.73 -8.50
CA ILE A 283 3.14 -16.82 -7.08
C ILE A 283 4.45 -17.55 -6.77
N SER A 284 4.77 -18.58 -7.56
CA SER A 284 5.99 -19.36 -7.33
C SER A 284 7.24 -18.52 -7.61
N THR A 285 7.03 -17.42 -8.32
CA THR A 285 8.10 -16.57 -8.80
C THR A 285 8.22 -15.30 -7.95
N TYR A 286 7.15 -15.00 -7.23
CA TYR A 286 6.99 -13.74 -6.51
C TYR A 286 7.99 -13.57 -5.37
N LYS A 287 8.65 -12.41 -5.38
CA LYS A 287 9.57 -12.03 -4.32
C LYS A 287 8.86 -11.09 -3.36
N GLY A 288 8.29 -11.65 -2.29
CA GLY A 288 7.48 -10.89 -1.35
C GLY A 288 8.25 -10.10 -0.30
N TRP A 289 7.52 -9.63 0.70
CA TRP A 289 8.07 -8.66 1.65
C TRP A 289 8.97 -9.23 2.74
N THR A 290 9.04 -10.56 2.87
CA THR A 290 9.81 -11.15 3.96
C THR A 290 11.20 -11.60 3.52
#